data_4IM8
#
_entry.id   4IM8
#
_cell.length_a   115.810
_cell.length_b   115.810
_cell.length_c   115.810
_cell.angle_alpha   90.00
_cell.angle_beta   90.00
_cell.angle_gamma   90.00
#
_symmetry.space_group_name_H-M   'P 41 3 2'
#
_entity_poly.entity_id   1
_entity_poly.type   'polypeptide(L)'
_entity_poly.pdbx_seq_one_letter_code
;MGQNITARIGEPLVLSCKGAPKKPPQQLEWKLNTGRTEAWKVLSPQGGPWDSVARILPNGSLLLPATGIVDEGTFRCRAT
NRRGKEVKSNYRVRVYQIPGKPEIVDPASELTASVPNKVGTCVSEGSYPAGTLSWHLDGKLLIPDGKETLVKEETRRHPE
TGLFTLRSELTVIPTQGGTHPTFSCSFSLGLPRRRPLNTAPIQLRVREP
;
_entity_poly.pdbx_strand_id   A
#
# COMPACT_ATOMS: atom_id res chain seq x y z
N MET A 1 -9.69 19.38 2.93
CA MET A 1 -8.87 18.31 3.50
C MET A 1 -9.15 16.97 2.82
N GLY A 2 -10.21 16.90 2.03
CA GLY A 2 -10.63 15.65 1.42
C GLY A 2 -10.21 15.44 -0.01
N GLN A 3 -9.18 16.15 -0.46
CA GLN A 3 -8.65 15.96 -1.80
C GLN A 3 -7.64 14.83 -1.82
N ASN A 4 -7.27 14.34 -0.62
CA ASN A 4 -6.50 13.10 -0.54
C ASN A 4 -7.39 11.91 -0.18
N ILE A 5 -7.30 10.85 -0.99
CA ILE A 5 -8.03 9.62 -0.74
C ILE A 5 -7.11 8.43 -0.47
N THR A 6 -7.48 7.64 0.53
CA THR A 6 -6.74 6.41 0.78
C THR A 6 -7.80 5.34 0.47
N ALA A 7 -7.43 4.35 -0.34
CA ALA A 7 -8.38 3.33 -0.78
C ALA A 7 -7.79 1.95 -0.79
N ARG A 8 -8.56 0.98 -0.33
CA ARG A 8 -8.09 -0.38 -0.31
C ARG A 8 -8.21 -0.94 -1.74
N ILE A 9 -7.13 -1.59 -2.15
CA ILE A 9 -7.01 -2.29 -3.43
C ILE A 9 -8.15 -3.29 -3.59
N GLY A 10 -8.71 -3.36 -4.80
CA GLY A 10 -9.83 -4.25 -5.07
C GLY A 10 -11.21 -3.61 -5.03
N GLU A 11 -11.36 -2.44 -4.39
CA GLU A 11 -12.67 -1.94 -4.02
C GLU A 11 -12.95 -0.75 -4.94
N PRO A 12 -14.24 -0.42 -5.16
CA PRO A 12 -14.55 0.72 -6.02
C PRO A 12 -14.22 2.06 -5.39
N LEU A 13 -14.03 3.07 -6.23
CA LEU A 13 -13.87 4.44 -5.76
C LEU A 13 -14.70 5.33 -6.67
N VAL A 14 -15.43 6.26 -6.06
CA VAL A 14 -16.13 7.30 -6.79
C VAL A 14 -15.53 8.64 -6.42
N LEU A 15 -15.12 9.37 -7.45
CA LEU A 15 -14.66 10.74 -7.28
C LEU A 15 -15.64 11.72 -7.91
N SER A 16 -16.10 12.65 -7.10
CA SER A 16 -17.05 13.63 -7.60
C SER A 16 -16.40 14.77 -8.36
N CYS A 17 -17.10 15.30 -9.31
CA CYS A 17 -16.65 16.52 -9.90
C CYS A 17 -17.54 17.68 -9.24
N LYS A 18 -17.09 18.84 -8.65
CA LYS A 18 -18.06 19.82 -8.16
C LYS A 18 -18.14 20.99 -9.03
N GLY A 19 -19.32 20.96 -9.52
CA GLY A 19 -19.76 21.96 -10.40
C GLY A 19 -20.49 21.29 -11.54
N ALA A 20 -20.33 19.99 -11.74
CA ALA A 20 -21.03 19.31 -12.81
C ALA A 20 -22.50 19.35 -12.47
N PRO A 21 -23.32 19.68 -13.48
CA PRO A 21 -24.77 19.49 -13.37
C PRO A 21 -25.17 18.07 -12.94
N LYS A 22 -26.27 18.00 -12.20
CA LYS A 22 -26.80 16.75 -11.66
C LYS A 22 -27.10 15.73 -12.75
N LYS A 23 -27.39 16.23 -13.96
CA LYS A 23 -27.65 15.36 -15.10
C LYS A 23 -27.24 15.95 -16.46
N PRO A 24 -27.12 15.09 -17.50
CA PRO A 24 -26.74 15.53 -18.85
C PRO A 24 -27.74 16.51 -19.44
N PRO A 25 -27.30 17.38 -20.38
CA PRO A 25 -25.93 17.57 -20.88
C PRO A 25 -24.97 18.26 -19.90
N GLN A 26 -23.69 17.95 -20.05
CA GLN A 26 -22.65 18.50 -19.18
C GLN A 26 -21.42 18.75 -20.04
N GLN A 27 -20.73 19.86 -19.81
CA GLN A 27 -19.43 20.06 -20.42
C GLN A 27 -18.39 19.76 -19.35
N LEU A 28 -17.77 18.58 -19.44
CA LEU A 28 -16.70 18.23 -18.52
C LEU A 28 -15.70 17.24 -19.10
N GLU A 29 -14.49 17.26 -18.56
CA GLU A 29 -13.48 16.30 -18.96
C GLU A 29 -12.64 15.91 -17.74
N TRP A 30 -12.34 14.61 -17.67
CA TRP A 30 -11.43 14.05 -16.68
C TRP A 30 -10.08 13.76 -17.32
N LYS A 31 -9.03 14.13 -16.60
CA LYS A 31 -7.66 13.81 -16.99
C LYS A 31 -6.93 13.15 -15.80
N LEU A 32 -6.26 12.05 -16.09
CA LEU A 32 -5.73 11.17 -15.05
C LEU A 32 -4.23 10.99 -15.20
N ASN A 33 -3.55 10.84 -14.07
CA ASN A 33 -2.17 10.40 -14.04
C ASN A 33 -2.07 9.21 -13.09
N THR A 34 -1.79 8.04 -13.66
CA THR A 34 -1.77 6.81 -12.87
C THR A 34 -0.59 5.96 -13.29
N GLY A 35 -0.54 4.74 -12.75
CA GLY A 35 0.45 3.78 -13.19
C GLY A 35 0.19 3.35 -14.61
N ARG A 36 -1.07 3.47 -15.04
CA ARG A 36 -1.47 3.14 -16.39
C ARG A 36 -1.11 4.25 -17.37
N THR A 37 -1.15 5.48 -16.88
CA THR A 37 -0.96 6.65 -17.73
C THR A 37 0.49 6.85 -18.16
N GLU A 38 0.69 7.10 -19.45
CA GLU A 38 2.00 7.50 -19.97
C GLU A 38 2.22 8.94 -19.56
N ALA A 39 1.37 9.83 -20.07
CA ALA A 39 1.34 11.20 -19.59
C ALA A 39 0.01 11.50 -18.89
N TRP A 40 -1.04 11.73 -19.67
CA TRP A 40 -2.37 11.97 -19.12
C TRP A 40 -3.49 11.35 -19.98
N LYS A 41 -4.36 10.57 -19.34
CA LYS A 41 -5.55 10.04 -20.00
C LYS A 41 -6.64 11.10 -20.00
N VAL A 42 -7.56 11.05 -20.96
CA VAL A 42 -8.62 12.05 -21.06
C VAL A 42 -9.96 11.43 -21.51
N LEU A 43 -11.05 11.81 -20.84
CA LEU A 43 -12.38 11.44 -21.33
C LEU A 43 -13.53 12.34 -20.85
N SER A 44 -14.65 12.27 -21.57
CA SER A 44 -15.85 13.04 -21.22
C SER A 44 -17.04 12.12 -20.98
N ASP A 51 -13.98 2.52 -19.29
CA ASP A 51 -15.17 1.78 -18.84
C ASP A 51 -14.89 1.05 -17.53
N SER A 52 -14.49 -0.21 -17.63
CA SER A 52 -14.10 -0.99 -16.47
C SER A 52 -12.68 -0.60 -16.06
N VAL A 53 -12.05 0.19 -16.92
CA VAL A 53 -10.81 0.86 -16.59
C VAL A 53 -11.16 2.03 -15.70
N ALA A 54 -11.78 3.03 -16.31
CA ALA A 54 -12.31 4.20 -15.65
C ALA A 54 -13.58 4.65 -16.36
N ARG A 55 -14.66 4.97 -15.63
CA ARG A 55 -15.86 5.42 -16.32
C ARG A 55 -16.49 6.60 -15.60
N ILE A 56 -17.13 7.45 -16.40
CA ILE A 56 -17.90 8.60 -15.92
C ILE A 56 -19.38 8.30 -15.69
N LEU A 57 -19.84 8.56 -14.48
CA LEU A 57 -21.23 8.35 -14.12
C LEU A 57 -22.14 9.46 -14.68
N PRO A 58 -23.45 9.24 -14.70
CA PRO A 58 -24.44 10.27 -15.08
C PRO A 58 -24.31 11.63 -14.39
N ASN A 59 -23.95 11.64 -13.11
CA ASN A 59 -23.74 12.90 -12.41
C ASN A 59 -22.37 13.51 -12.67
N GLY A 60 -21.59 12.90 -13.57
CA GLY A 60 -20.30 13.48 -13.89
C GLY A 60 -19.16 12.97 -13.04
N SER A 61 -19.48 12.21 -12.00
CA SER A 61 -18.43 11.66 -11.13
C SER A 61 -17.61 10.59 -11.85
N LEU A 62 -16.37 10.44 -11.40
CA LEU A 62 -15.49 9.37 -11.87
C LEU A 62 -15.58 8.08 -11.07
N LEU A 63 -15.67 6.98 -11.81
CA LEU A 63 -15.82 5.63 -11.25
C LEU A 63 -14.67 4.71 -11.60
N LEU A 64 -14.04 4.16 -10.57
CA LEU A 64 -13.12 3.05 -10.78
C LEU A 64 -13.77 1.87 -10.09
N PRO A 65 -14.08 0.82 -10.88
CA PRO A 65 -14.80 -0.39 -10.45
C PRO A 65 -14.07 -1.27 -9.44
N ALA A 66 -12.75 -1.27 -9.47
CA ALA A 66 -11.97 -1.98 -8.47
C ALA A 66 -10.57 -1.41 -8.45
N THR A 67 -10.24 -0.71 -7.37
CA THR A 67 -8.99 0.01 -7.33
C THR A 67 -7.80 -0.92 -7.11
N GLY A 68 -6.68 -0.56 -7.73
CA GLY A 68 -5.45 -1.32 -7.62
C GLY A 68 -4.28 -0.38 -7.47
N ILE A 69 -3.09 -0.94 -7.23
CA ILE A 69 -1.89 -0.12 -7.10
C ILE A 69 -1.72 0.80 -8.33
N VAL A 70 -2.10 0.30 -9.50
CA VAL A 70 -1.96 1.05 -10.75
C VAL A 70 -2.90 2.26 -10.86
N ASP A 71 -3.81 2.37 -9.93
CA ASP A 71 -4.74 3.50 -9.85
C ASP A 71 -4.27 4.64 -8.95
N GLU A 72 -3.08 4.49 -8.37
CA GLU A 72 -2.46 5.58 -7.61
C GLU A 72 -2.06 6.74 -8.49
N GLY A 73 -2.42 7.95 -8.06
CA GLY A 73 -1.94 9.15 -8.70
C GLY A 73 -2.96 10.26 -8.64
N THR A 74 -2.98 11.05 -9.70
CA THR A 74 -3.65 12.33 -9.73
C THR A 74 -4.90 12.18 -10.56
N PHE A 75 -6.03 12.60 -10.03
CA PHE A 75 -7.28 12.57 -10.78
C PHE A 75 -7.82 13.99 -10.81
N ARG A 76 -7.91 14.53 -12.01
CA ARG A 76 -8.41 15.88 -12.20
C ARG A 76 -9.63 15.99 -13.08
N CYS A 77 -10.57 16.82 -12.65
CA CYS A 77 -11.72 17.17 -13.47
C CYS A 77 -11.76 18.65 -13.77
N ARG A 78 -12.25 18.96 -14.96
CA ARG A 78 -12.57 20.33 -15.30
C ARG A 78 -13.97 20.31 -15.88
N ALA A 79 -14.86 21.13 -15.33
CA ALA A 79 -16.25 21.09 -15.79
C ALA A 79 -16.84 22.47 -16.00
N THR A 80 -17.60 22.65 -17.06
CA THR A 80 -18.27 23.93 -17.26
C THR A 80 -19.56 23.87 -16.46
N ASN A 81 -19.66 24.69 -15.43
CA ASN A 81 -20.77 24.61 -14.49
C ASN A 81 -22.07 25.18 -15.03
N ARG A 82 -23.17 24.82 -14.38
CA ARG A 82 -24.51 25.26 -14.77
C ARG A 82 -24.62 26.80 -14.89
N ARG A 83 -23.80 27.53 -14.15
CA ARG A 83 -23.81 29.00 -14.22
C ARG A 83 -22.96 29.50 -15.40
N GLY A 84 -22.30 28.58 -16.09
CA GLY A 84 -21.57 28.91 -17.30
C GLY A 84 -20.06 28.96 -17.18
N LYS A 85 -19.53 29.14 -15.96
CA LYS A 85 -18.09 29.17 -15.80
C LYS A 85 -17.52 27.87 -15.23
N GLU A 86 -16.20 27.82 -15.09
CA GLU A 86 -15.53 26.55 -14.86
C GLU A 86 -15.27 26.17 -13.40
N VAL A 87 -15.47 24.89 -13.08
CA VAL A 87 -15.19 24.35 -11.76
C VAL A 87 -14.07 23.31 -11.89
N LYS A 88 -13.14 23.32 -10.94
CA LYS A 88 -11.97 22.44 -11.01
C LYS A 88 -12.06 21.39 -9.92
N SER A 89 -11.64 20.16 -10.20
CA SER A 89 -11.55 19.17 -9.15
C SER A 89 -10.15 18.54 -9.19
N ASN A 90 -9.62 18.22 -8.02
CA ASN A 90 -8.26 17.70 -7.90
C ASN A 90 -8.15 16.70 -6.76
N TYR A 91 -7.99 15.42 -7.10
CA TYR A 91 -7.86 14.39 -6.08
C TYR A 91 -6.48 13.73 -6.17
N ARG A 92 -5.94 13.33 -5.02
CA ARG A 92 -4.78 12.46 -4.98
C ARG A 92 -5.10 11.09 -4.39
N VAL A 93 -4.98 10.03 -5.19
CA VAL A 93 -5.37 8.72 -4.72
C VAL A 93 -4.15 7.89 -4.29
N ARG A 94 -4.21 7.36 -3.08
CA ARG A 94 -3.23 6.40 -2.61
C ARG A 94 -3.99 5.12 -2.24
N VAL A 95 -3.28 4.00 -2.22
CA VAL A 95 -3.95 2.71 -2.09
C VAL A 95 -3.25 1.81 -1.09
N TYR A 96 -3.91 0.74 -0.66
CA TYR A 96 -3.20 -0.18 0.25
C TYR A 96 -3.77 -1.59 0.13
N GLN A 97 -2.97 -2.57 0.56
CA GLN A 97 -3.46 -3.91 0.84
C GLN A 97 -3.01 -4.52 2.18
N ILE A 98 -3.97 -5.09 2.91
CA ILE A 98 -3.68 -5.85 4.12
C ILE A 98 -3.26 -7.26 3.74
N PRO A 99 -2.10 -7.73 4.24
CA PRO A 99 -1.69 -9.07 3.81
C PRO A 99 -2.46 -10.14 4.57
N GLY A 100 -2.19 -11.41 4.29
CA GLY A 100 -2.76 -12.48 5.09
C GLY A 100 -2.18 -12.53 6.49
N LYS A 101 -2.80 -13.34 7.35
CA LYS A 101 -2.31 -13.59 8.71
C LYS A 101 -0.84 -13.95 8.62
N PRO A 102 -0.01 -13.39 9.51
CA PRO A 102 1.37 -13.86 9.42
C PRO A 102 1.50 -15.29 9.92
N GLU A 103 2.56 -15.98 9.53
CA GLU A 103 2.69 -17.39 9.86
C GLU A 103 4.13 -17.61 10.28
N ILE A 104 4.37 -18.52 11.22
CA ILE A 104 5.75 -18.87 11.50
C ILE A 104 6.13 -20.20 10.84
N VAL A 105 7.14 -20.15 9.98
CA VAL A 105 7.62 -21.34 9.27
C VAL A 105 8.92 -21.85 9.90
N ASP A 106 9.23 -23.11 9.61
CA ASP A 106 10.48 -23.75 10.02
C ASP A 106 10.80 -23.52 11.51
N PRO A 107 9.81 -23.72 12.40
CA PRO A 107 10.11 -23.52 13.81
C PRO A 107 10.96 -24.56 14.53
N ALA A 108 11.79 -24.14 15.47
CA ALA A 108 12.57 -25.09 16.26
C ALA A 108 11.69 -25.61 17.39
N SER A 109 11.81 -26.89 17.70
CA SER A 109 11.12 -27.46 18.85
C SER A 109 11.92 -27.28 20.15
N GLU A 110 13.25 -27.25 20.04
CA GLU A 110 14.11 -27.18 21.21
C GLU A 110 15.28 -26.22 21.00
N LEU A 111 15.63 -25.45 22.02
CA LEU A 111 16.82 -24.62 21.94
C LEU A 111 17.86 -25.06 22.96
N THR A 112 19.13 -24.95 22.57
CA THR A 112 20.26 -25.23 23.47
C THR A 112 20.89 -23.94 23.98
N ALA A 113 20.91 -23.78 25.29
CA ALA A 113 21.39 -22.55 25.91
C ALA A 113 22.88 -22.41 25.62
N SER A 114 23.31 -21.17 25.36
CA SER A 114 24.72 -20.74 25.25
C SER A 114 25.23 -20.78 23.81
N VAL A 115 24.47 -21.39 22.89
CA VAL A 115 24.83 -21.29 21.48
C VAL A 115 23.67 -20.71 20.65
N PRO A 116 23.97 -20.19 19.44
CA PRO A 116 22.91 -19.68 18.57
C PRO A 116 22.06 -20.74 17.87
N ASN A 117 20.76 -20.43 17.78
CA ASN A 117 19.77 -21.36 17.24
C ASN A 117 18.91 -20.59 16.23
N LYS A 118 18.60 -21.21 15.09
CA LYS A 118 17.59 -20.64 14.19
C LYS A 118 16.21 -20.90 14.79
N VAL A 119 15.56 -19.83 15.26
CA VAL A 119 14.24 -19.96 15.88
C VAL A 119 13.07 -20.26 14.94
N GLY A 120 13.08 -19.65 13.75
CA GLY A 120 11.93 -19.71 12.88
C GLY A 120 11.92 -18.50 11.96
N THR A 121 11.13 -18.56 10.89
CA THR A 121 10.91 -17.38 10.06
C THR A 121 9.46 -16.91 10.15
N CYS A 122 9.25 -15.63 10.45
CA CYS A 122 7.89 -15.07 10.36
C CYS A 122 7.68 -14.59 8.93
N VAL A 123 6.55 -14.98 8.35
CA VAL A 123 6.20 -14.59 6.99
C VAL A 123 4.87 -13.87 6.91
N SER A 124 4.85 -12.74 6.21
CA SER A 124 3.61 -12.09 5.83
C SER A 124 3.53 -12.13 4.30
N GLU A 125 2.38 -12.52 3.76
CA GLU A 125 2.21 -12.56 2.31
C GLU A 125 1.13 -11.58 1.84
N GLY A 126 1.49 -10.67 0.94
CA GLY A 126 0.49 -9.98 0.16
C GLY A 126 0.11 -8.60 0.66
N SER A 127 1.08 -7.86 1.21
CA SER A 127 0.79 -6.51 1.69
C SER A 127 1.13 -5.38 0.72
N TYR A 128 0.38 -4.28 0.86
CA TYR A 128 0.78 -2.99 0.29
C TYR A 128 0.37 -1.79 1.16
N PRO A 129 1.33 -0.89 1.46
CA PRO A 129 2.75 -1.01 1.12
C PRO A 129 3.38 -2.13 1.94
N ALA A 130 4.70 -2.24 1.97
CA ALA A 130 5.30 -3.43 2.59
C ALA A 130 4.91 -3.62 4.05
N GLY A 131 5.07 -2.57 4.85
CA GLY A 131 4.87 -2.68 6.28
C GLY A 131 6.06 -3.43 6.84
N THR A 132 5.99 -3.86 8.09
CA THR A 132 7.17 -4.43 8.71
C THR A 132 6.77 -5.62 9.57
N LEU A 133 7.73 -6.47 9.90
CA LEU A 133 7.50 -7.57 10.83
C LEU A 133 8.36 -7.38 12.06
N SER A 134 7.86 -7.80 13.21
CA SER A 134 8.72 -7.71 14.40
C SER A 134 8.39 -8.85 15.34
N TRP A 135 9.33 -9.23 16.21
CA TRP A 135 9.06 -10.41 17.02
C TRP A 135 8.81 -9.92 18.42
N HIS A 136 8.09 -10.71 19.20
CA HIS A 136 7.98 -10.42 20.60
C HIS A 136 8.43 -11.70 21.29
N LEU A 137 8.97 -11.55 22.49
CA LEU A 137 9.25 -12.70 23.34
C LEU A 137 8.55 -12.37 24.66
N ASP A 138 7.62 -13.22 25.06
CA ASP A 138 6.76 -12.96 26.21
C ASP A 138 6.20 -11.55 26.14
N GLY A 139 5.78 -11.17 24.93
CA GLY A 139 5.08 -9.91 24.68
C GLY A 139 5.86 -8.61 24.54
N LYS A 140 7.18 -8.62 24.72
CA LYS A 140 7.94 -7.37 24.57
C LYS A 140 8.66 -7.28 23.22
N LEU A 141 8.78 -6.08 22.68
CA LEU A 141 9.43 -5.87 21.39
C LEU A 141 10.88 -6.32 21.56
N LEU A 142 11.37 -7.16 20.65
CA LEU A 142 12.80 -7.43 20.58
C LEU A 142 13.55 -6.50 19.63
N ILE A 143 14.59 -5.85 20.14
CA ILE A 143 15.54 -5.15 19.29
C ILE A 143 16.68 -6.10 18.92
N PRO A 144 17.18 -6.03 17.67
CA PRO A 144 18.34 -6.86 17.37
C PRO A 144 19.62 -6.31 17.99
N ASP A 145 20.45 -7.19 18.53
CA ASP A 145 21.79 -6.85 18.94
C ASP A 145 22.75 -7.64 18.06
N GLY A 146 24.03 -7.60 18.36
CA GLY A 146 25.00 -8.35 17.57
C GLY A 146 25.34 -9.71 18.18
N LYS A 147 24.83 -9.99 19.37
CA LYS A 147 25.25 -11.19 20.10
C LYS A 147 24.11 -12.15 20.44
N GLU A 148 23.30 -11.80 21.45
CA GLU A 148 22.26 -12.69 21.94
C GLU A 148 21.10 -12.87 20.96
N THR A 149 21.05 -12.00 19.94
CA THR A 149 20.00 -12.06 18.94
C THR A 149 20.54 -11.51 17.63
N LEU A 150 20.06 -12.06 16.51
CA LEU A 150 20.13 -11.32 15.26
C LEU A 150 19.03 -11.81 14.32
N VAL A 151 18.65 -10.95 13.39
CA VAL A 151 17.51 -11.23 12.52
C VAL A 151 17.91 -10.88 11.08
N LYS A 152 17.67 -11.80 10.15
CA LYS A 152 17.75 -11.41 8.75
C LYS A 152 16.36 -11.32 8.14
N GLU A 153 16.06 -10.19 7.52
CA GLU A 153 14.74 -9.94 6.96
C GLU A 153 14.88 -9.70 5.47
N GLU A 154 13.87 -10.14 4.73
CA GLU A 154 13.82 -9.96 3.29
C GLU A 154 12.42 -9.49 2.92
N THR A 155 12.35 -8.47 2.08
CA THR A 155 11.10 -8.08 1.47
C THR A 155 11.28 -8.26 -0.02
N ARG A 156 10.32 -8.96 -0.63
CA ARG A 156 10.32 -9.21 -2.06
C ARG A 156 8.95 -8.91 -2.65
N ARG A 157 8.95 -8.18 -3.77
CA ARG A 157 7.73 -7.70 -4.39
C ARG A 157 7.44 -8.59 -5.59
N HIS A 158 6.17 -8.96 -5.69
CA HIS A 158 5.61 -9.66 -6.83
C HIS A 158 5.29 -8.70 -7.99
N PRO A 159 6.08 -8.79 -9.08
CA PRO A 159 6.00 -8.01 -10.32
C PRO A 159 4.69 -8.22 -11.07
N GLU A 160 4.05 -9.35 -10.84
CA GLU A 160 2.75 -9.64 -11.45
C GLU A 160 1.58 -9.09 -10.63
N THR A 161 1.84 -8.61 -9.42
CA THR A 161 0.77 -8.00 -8.65
C THR A 161 1.15 -6.72 -7.92
N GLY A 162 2.43 -6.52 -7.63
CA GLY A 162 2.84 -5.27 -6.99
C GLY A 162 2.81 -5.39 -5.47
N LEU A 163 2.26 -6.50 -4.99
CA LEU A 163 2.18 -6.78 -3.56
C LEU A 163 3.51 -7.27 -3.03
N PHE A 164 3.67 -7.23 -1.70
CA PHE A 164 4.94 -7.60 -1.10
C PHE A 164 4.80 -8.84 -0.23
N THR A 165 5.91 -9.56 -0.13
CA THR A 165 6.11 -10.64 0.82
C THR A 165 7.25 -10.25 1.76
N LEU A 166 6.97 -10.28 3.06
CA LEU A 166 8.02 -10.09 4.04
C LEU A 166 8.36 -11.43 4.67
N ARG A 167 9.64 -11.58 5.01
CA ARG A 167 10.18 -12.70 5.77
C ARG A 167 11.15 -12.19 6.83
N SER A 168 11.08 -12.78 8.01
CA SER A 168 12.00 -12.38 9.08
C SER A 168 12.48 -13.61 9.85
N GLU A 169 13.77 -13.86 9.73
CA GLU A 169 14.39 -15.07 10.29
C GLU A 169 15.24 -14.77 11.52
N LEU A 170 14.82 -15.36 12.65
CA LEU A 170 15.39 -15.03 13.95
C LEU A 170 16.44 -16.05 14.37
N THR A 171 17.56 -15.55 14.91
CA THR A 171 18.63 -16.40 15.40
C THR A 171 18.82 -15.92 16.83
N VAL A 172 18.85 -16.82 17.80
CA VAL A 172 19.15 -16.37 19.17
C VAL A 172 20.26 -17.12 19.90
N ILE A 173 20.95 -16.40 20.79
CA ILE A 173 21.89 -16.99 21.72
C ILE A 173 21.39 -16.80 23.14
N PRO A 174 20.71 -17.82 23.70
CA PRO A 174 20.14 -17.72 25.03
C PRO A 174 21.19 -17.59 26.13
N GLY A 178 18.94 -20.05 30.29
CA GLY A 178 17.56 -19.61 30.39
C GLY A 178 16.65 -20.78 30.71
N THR A 179 15.34 -20.55 30.81
CA THR A 179 14.41 -21.63 31.15
C THR A 179 13.27 -21.89 30.15
N HIS A 180 12.24 -21.06 30.17
CA HIS A 180 11.03 -21.34 29.37
C HIS A 180 10.30 -20.13 28.77
N PRO A 181 10.86 -19.54 27.69
CA PRO A 181 10.34 -18.37 26.98
C PRO A 181 9.20 -18.68 25.98
N THR A 182 8.29 -17.74 25.77
CA THR A 182 7.28 -17.88 24.71
C THR A 182 7.55 -16.87 23.58
N PHE A 183 7.36 -17.25 22.32
CA PHE A 183 7.58 -16.30 21.23
C PHE A 183 6.37 -16.07 20.32
N SER A 184 6.30 -14.89 19.70
CA SER A 184 5.27 -14.66 18.67
C SER A 184 5.67 -13.50 17.76
N CYS A 185 5.08 -13.36 16.59
CA CYS A 185 5.53 -12.31 15.68
C CYS A 185 4.33 -11.43 15.35
N SER A 186 4.54 -10.13 15.13
CA SER A 186 3.43 -9.28 14.71
C SER A 186 3.77 -8.54 13.42
N PHE A 187 2.78 -8.29 12.58
CA PHE A 187 3.01 -7.48 11.37
C PHE A 187 2.42 -6.06 11.54
N SER A 188 3.25 -5.03 11.47
CA SER A 188 2.77 -3.66 11.59
C SER A 188 2.74 -2.95 10.23
N LEU A 189 1.58 -2.58 9.68
CA LEU A 189 1.62 -2.02 8.34
C LEU A 189 2.33 -0.67 8.47
N GLY A 190 3.15 -0.35 7.47
CA GLY A 190 3.79 0.94 7.32
C GLY A 190 3.02 2.20 6.98
N LEU A 191 1.70 2.09 6.77
CA LEU A 191 0.89 3.29 6.60
C LEU A 191 1.03 4.23 7.79
N PRO A 192 1.17 5.54 7.51
CA PRO A 192 1.14 6.60 8.51
C PRO A 192 -0.25 7.23 8.57
N ARG A 193 -0.36 8.39 9.21
CA ARG A 193 -1.65 9.08 9.22
C ARG A 193 -1.91 9.53 7.79
N ARG A 194 -1.15 10.55 7.37
CA ARG A 194 -1.51 11.29 6.17
C ARG A 194 -0.32 11.66 5.29
N ARG A 195 -0.52 11.50 3.98
CA ARG A 195 0.31 12.11 2.95
C ARG A 195 1.83 12.17 3.10
N PRO A 196 2.54 11.06 2.86
CA PRO A 196 3.97 11.37 2.94
C PRO A 196 4.43 12.14 1.69
N LEU A 197 5.50 12.92 1.72
CA LEU A 197 5.87 13.54 0.45
C LEU A 197 7.13 13.04 -0.21
N ASN A 198 6.96 12.68 -1.49
CA ASN A 198 8.02 12.09 -2.29
C ASN A 198 8.51 12.92 -3.47
N THR A 199 9.81 12.88 -3.72
CA THR A 199 10.41 13.48 -4.91
C THR A 199 9.86 12.74 -6.13
N ALA A 200 9.94 13.34 -7.32
CA ALA A 200 9.77 12.60 -8.56
C ALA A 200 10.95 11.64 -8.65
N PRO A 201 10.72 10.43 -9.20
CA PRO A 201 11.80 9.45 -9.30
C PRO A 201 12.86 9.75 -10.38
N ILE A 202 14.08 9.28 -10.10
CA ILE A 202 15.16 9.17 -11.07
C ILE A 202 15.50 7.71 -11.41
N GLN A 203 16.09 7.49 -12.58
CA GLN A 203 16.42 6.13 -13.04
C GLN A 203 17.80 6.07 -13.73
N LEU A 204 18.88 6.12 -12.94
CA LEU A 204 20.22 6.03 -13.48
C LEU A 204 20.46 4.65 -14.10
N ARG A 205 21.47 4.55 -14.96
CA ARG A 205 21.89 3.28 -15.55
C ARG A 205 23.07 2.66 -14.81
N VAL A 206 23.08 1.33 -14.71
CA VAL A 206 24.19 0.63 -14.05
C VAL A 206 25.22 0.16 -15.08
N ARG A 207 26.44 0.67 -14.99
CA ARG A 207 27.51 0.23 -15.89
C ARG A 207 28.35 -0.87 -15.24
#